data_7LXQ
#
_entry.id   7LXQ
#
_cell.length_a   116.871
_cell.length_b   19.477
_cell.length_c   26.639
_cell.angle_alpha   90.00
_cell.angle_beta   91.65
_cell.angle_gamma   90.00
#
_symmetry.space_group_name_H-M   'C 1 2 1'
#
loop_
_entity.id
_entity.type
_entity.pdbx_description
1 polymer 'Collagen mimetic peptide'
2 water water
#
_entity_poly.entity_id   1
_entity_poly.type   'polypeptide(L)'
_entity_poly.pdbx_seq_one_letter_code
;P(HYP)GP(HYP)GP(HYP)GP(HYP)GP(ZPO)GPR(XZA)P(HYP)GP(HYP)GP(HYP)GP(HYP)G
;
_entity_poly.pdbx_strand_id   A,B,C
#
loop_
_chem_comp.id
_chem_comp.type
_chem_comp.name
_chem_comp.formula
XZA peptide-like 'diazanecarboxylic acid' 'C H4 N2 O2'
ZPO peptide-like 'pyrazolidine-1-carboxylic acid' 'C4 H8 N2 O2'
#
# COMPACT_ATOMS: atom_id res chain seq x y z
N PRO A 1 23.81 11.60 36.24
CA PRO A 1 23.11 10.33 36.06
C PRO A 1 22.77 10.11 34.60
N HYP A 2 22.09 9.03 34.29
CA HYP A 2 21.66 8.79 32.87
C HYP A 2 20.71 9.89 32.37
O HYP A 2 19.84 10.37 33.12
CB HYP A 2 20.99 7.43 32.83
CG HYP A 2 21.67 6.69 33.96
CD HYP A 2 21.70 7.80 35.01
OD1 HYP A 2 22.92 6.21 33.64
HA HYP A 2 22.42 8.79 32.27
HB2 HYP A 2 21.11 6.97 31.99
HB3 HYP A 2 20.03 7.46 32.97
HG HYP A 2 21.22 5.88 34.26
HD22 HYP A 2 20.85 7.89 35.44
HD23 HYP A 2 22.34 7.59 35.71
HD1 HYP A 2 23.30 5.88 34.34
N GLY A 3 20.92 10.30 31.14
CA GLY A 3 20.12 11.36 30.58
C GLY A 3 18.78 10.87 30.12
N PRO A 4 17.94 11.82 29.65
CA PRO A 4 16.63 11.49 29.12
C PRO A 4 16.67 10.60 27.88
N HYP A 5 15.56 9.96 27.58
CA HYP A 5 15.44 9.22 26.34
C HYP A 5 15.70 10.11 25.14
O HYP A 5 15.42 11.32 25.19
CB HYP A 5 13.99 8.71 26.28
CG HYP A 5 13.61 8.58 27.74
CD HYP A 5 14.25 9.85 28.28
OD1 HYP A 5 14.09 7.44 28.34
HA HYP A 5 16.06 8.47 26.33
HB2 HYP A 5 13.90 7.86 25.82
HB3 HYP A 5 13.38 9.32 25.82
HG HYP A 5 12.67 8.52 27.93
HD22 HYP A 5 13.69 10.62 28.11
HD23 HYP A 5 14.37 9.81 29.24
HD1 HYP A 5 14.77 7.62 28.81
N GLY A 6 16.26 9.55 24.08
CA GLY A 6 16.35 10.28 22.84
C GLY A 6 15.00 10.58 22.21
N PRO A 7 15.00 11.41 21.18
CA PRO A 7 13.78 11.67 20.43
C PRO A 7 13.18 10.42 19.81
N HYP A 8 11.88 10.42 19.64
CA HYP A 8 11.22 9.31 18.92
C HYP A 8 11.81 9.18 17.50
O HYP A 8 12.22 10.19 16.89
CB HYP A 8 9.77 9.70 18.83
CG HYP A 8 9.56 10.62 20.02
CD HYP A 8 10.83 11.43 19.92
OD1 HYP A 8 9.48 9.97 21.22
HA HYP A 8 11.33 8.46 19.35
HB2 HYP A 8 9.16 8.93 18.89
HB3 HYP A 8 9.53 10.16 18.00
HG HYP A 8 8.75 11.15 20.00
HD22 HYP A 8 10.78 12.09 19.21
HD23 HYP A 8 11.01 11.92 20.74
HD1 HYP A 8 9.02 9.25 21.12
N GLY A 9 11.84 7.98 16.98
CA GLY A 9 12.33 7.73 15.66
C GLY A 9 11.42 8.32 14.58
N PRO A 10 11.92 8.40 13.36
N PRO A 10 11.94 8.39 13.36
CA PRO A 10 11.04 8.92 12.31
CA PRO A 10 11.15 8.83 12.19
C PRO A 10 9.96 7.91 11.93
C PRO A 10 10.01 7.89 11.85
N HYP A 11 8.94 8.41 11.23
CA HYP A 11 7.92 7.52 10.64
C HYP A 11 8.59 6.50 9.69
O HYP A 11 9.58 6.80 9.00
CB HYP A 11 6.96 8.43 9.87
CG HYP A 11 7.09 9.74 10.62
CD HYP A 11 8.60 9.76 10.84
OD1 HYP A 11 6.36 9.78 11.80
HA HYP A 11 7.42 7.01 11.30
HB2 HYP A 11 6.04 8.12 9.87
HB3 HYP A 11 7.20 8.54 8.94
HG HYP A 11 6.77 10.53 10.16
HD22 HYP A 11 9.06 10.03 10.04
HD23 HYP A 11 8.84 10.40 11.53
HD1 HYP A 11 5.63 9.36 11.70
N GLY A 12 8.02 5.30 9.64
CA GLY A 12 8.51 4.32 8.70
C GLY A 12 8.23 4.71 7.26
N PRO A 13 8.80 3.98 6.30
CA PRO A 13 8.47 4.25 4.90
C PRO A 13 7.01 3.97 4.62
N ZPO A 14 6.52 4.60 3.54
CB ZPO A 14 4.72 5.36 2.61
CG ZPO A 14 5.92 5.93 1.92
C ZPO A 14 4.96 3.03 2.57
O ZPO A 14 5.79 2.27 2.49
CD ZPO A 14 7.07 5.66 2.77
NA ZPO A 14 5.16 4.34 3.11
HB3 ZPO A 14 4.02 5.14 1.97
HB2 ZPO A 14 4.39 5.96 3.30
HG2 ZPO A 14 6.03 5.50 1.05
HG3 ZPO A 14 5.80 6.88 1.80
HD2 ZPO A 14 7.28 6.43 3.34
HD3 ZPO A 14 7.83 5.37 2.26
N GLY A 15 3.64 2.71 2.72
CA GLY A 15 3.14 1.47 2.16
C GLY A 15 3.07 1.50 0.64
N PRO A 16 3.28 0.35 -0.01
CA PRO A 16 3.21 0.30 -1.46
C PRO A 16 1.78 0.20 -1.93
N ARG A 17 1.57 0.62 -3.18
CA ARG A 17 0.27 0.45 -3.82
C ARG A 17 -0.03 -1.05 -3.95
C XZA A 18 -1.77 -3.14 -5.45
O XZA A 18 -1.56 -2.38 -6.32
NA XZA A 18 -1.71 -2.75 -4.07
N XZA A 18 -1.34 -1.35 -3.85
HNA XZA A 18 -1.92 -3.44 -3.41
H XZA A 18 -1.32 -1.61 -3.15
N PRO A 19 -2.01 -4.46 -5.53
CA PRO A 19 -1.91 -5.02 -6.88
C PRO A 19 -3.10 -4.68 -7.73
N HYP A 20 -2.92 -4.79 -9.03
CA HYP A 20 -4.03 -4.56 -9.95
C HYP A 20 -5.18 -5.55 -9.69
O HYP A 20 -4.94 -6.71 -9.31
CB HYP A 20 -3.45 -4.84 -11.33
CG HYP A 20 -1.99 -4.46 -11.21
CD HYP A 20 -1.70 -5.08 -9.84
OD1 HYP A 20 -1.80 -3.08 -11.24
HA HYP A 20 -4.39 -3.67 -9.88
HB2 HYP A 20 -3.88 -4.31 -12.04
HB3 HYP A 20 -3.54 -5.76 -11.61
HG HYP A 20 -1.39 -4.77 -11.90
HD22 HYP A 20 -1.53 -6.03 -9.92
HD23 HYP A 20 -0.90 -4.70 -9.44
HD1 HYP A 20 -0.99 -2.90 -11.03
N GLY A 21 -6.40 -5.08 -9.88
CA GLY A 21 -7.57 -5.92 -9.79
C GLY A 21 -7.62 -7.02 -10.81
N PRO A 22 -8.62 -7.90 -10.66
CA PRO A 22 -8.81 -8.99 -11.64
C PRO A 22 -9.37 -8.43 -12.92
N HYP A 23 -9.26 -9.23 -13.96
CA HYP A 23 -9.88 -8.85 -15.24
C HYP A 23 -11.39 -8.58 -15.05
O HYP A 23 -12.01 -9.19 -14.17
CB HYP A 23 -9.70 -10.05 -16.15
CG HYP A 23 -8.45 -10.73 -15.62
CD HYP A 23 -8.73 -10.59 -14.12
OD1 HYP A 23 -7.27 -10.09 -15.98
HA HYP A 23 -9.48 -8.05 -15.63
HB2 HYP A 23 -9.58 -9.81 -17.08
HB3 HYP A 23 -10.45 -10.66 -16.13
HG HYP A 23 -8.31 -11.64 -15.91
HD22 HYP A 23 -9.36 -11.27 -13.82
HD23 HYP A 23 -7.92 -10.74 -13.61
HD1 HYP A 23 -7.20 -10.09 -16.83
N GLY A 24 -11.92 -7.67 -15.85
CA GLY A 24 -13.33 -7.36 -15.83
C GLY A 24 -14.21 -8.51 -16.24
N PRO A 25 -15.52 -8.31 -16.11
CA PRO A 25 -16.49 -9.32 -16.52
C PRO A 25 -16.50 -9.48 -18.02
N HYP A 26 -16.94 -10.65 -18.50
CA HYP A 26 -17.18 -10.81 -19.95
C HYP A 26 -18.12 -9.74 -20.53
O HYP A 26 -19.05 -9.29 -19.84
CB HYP A 26 -17.82 -12.20 -20.11
CG HYP A 26 -17.28 -12.95 -18.89
CD HYP A 26 -17.38 -11.87 -17.81
OD1 HYP A 26 -15.96 -13.41 -19.04
HA HYP A 26 -16.35 -10.77 -20.47
HB2 HYP A 26 -17.57 -12.66 -20.93
HB3 HYP A 26 -18.79 -12.18 -20.09
HG HYP A 26 -17.77 -13.75 -18.67
HD22 HYP A 26 -18.29 -11.79 -17.48
HD23 HYP A 26 -16.83 -12.08 -17.05
HD1 HYP A 26 -15.90 -13.83 -19.77
N GLY A 27 -17.88 -9.31 -21.76
CA GLY A 27 -18.74 -8.36 -22.41
C GLY A 27 -20.07 -8.94 -22.81
N PRO A 28 -20.97 -8.09 -23.28
CA PRO A 28 -22.27 -8.54 -23.73
C PRO A 28 -22.24 -9.33 -25.02
N HYP A 29 -23.38 -9.95 -25.34
CA HYP A 29 -23.58 -10.62 -26.62
C HYP A 29 -23.25 -9.69 -27.78
O HYP A 29 -23.53 -8.50 -27.72
CB HYP A 29 -25.06 -11.00 -26.65
CG HYP A 29 -25.35 -11.29 -25.19
CD HYP A 29 -24.63 -10.10 -24.57
OD1 HYP A 29 -24.89 -12.50 -24.73
HA HYP A 29 -23.03 -11.42 -26.72
HB2 HYP A 29 -25.26 -11.78 -27.19
HB3 HYP A 29 -25.63 -10.29 -26.98
HG HYP A 29 -26.29 -11.35 -24.95
HD22 HYP A 29 -25.18 -9.30 -24.61
HD23 HYP A 29 -24.45 -10.26 -23.62
HD1 HYP A 29 -24.57 -12.40 -23.95
N GLY A 30 -22.67 -10.26 -28.96
CA GLY A 30 -22.44 -9.51 -29.97
C GLY A 30 -23.66 -9.05 -30.77
N PRO B 1 25.72 9.71 32.09
CA PRO B 1 25.90 9.29 30.70
C PRO B 1 24.71 9.61 29.81
N HYP B 2 24.92 9.52 28.51
CA HYP B 2 23.80 9.78 27.59
C HYP B 2 22.62 8.83 27.85
O HYP B 2 22.84 7.67 28.24
CB HYP B 2 24.37 9.54 26.20
CG HYP B 2 25.81 9.97 26.36
CD HYP B 2 26.12 9.27 27.69
OD1 HYP B 2 25.98 11.34 26.47
HA HYP B 2 23.46 10.69 27.66
HB2 HYP B 2 23.93 10.05 25.50
HB3 HYP B 2 24.33 8.62 25.92
HG HYP B 2 26.40 9.75 25.63
HD22 HYP B 2 26.28 8.33 27.55
HD23 HYP B 2 26.91 9.63 28.09
HD1 HYP B 2 26.66 11.52 26.94
N GLY B 3 21.42 9.31 27.67
CA GLY B 3 20.25 8.47 27.81
C GLY B 3 20.12 7.41 26.74
N PRO B 4 19.11 6.57 26.87
CA PRO B 4 18.92 5.50 25.88
C PRO B 4 18.38 6.02 24.56
N HYP B 5 18.51 5.22 23.52
CA HYP B 5 17.86 5.53 22.25
C HYP B 5 16.34 5.86 22.48
O HYP B 5 15.69 5.30 23.38
CB HYP B 5 17.98 4.27 21.41
CG HYP B 5 19.29 3.67 21.89
CD HYP B 5 19.14 3.88 23.37
OD1 HYP B 5 20.40 4.33 21.40
HA HYP B 5 18.26 6.28 21.80
HB2 HYP B 5 18.02 4.45 20.45
HB3 HYP B 5 17.26 3.65 21.53
HG HYP B 5 19.43 2.74 21.64
HD22 HYP B 5 18.59 3.18 23.77
HD23 HYP B 5 20.00 3.83 23.81
HD1 HYP B 5 21.01 4.35 22.01
N GLY B 6 15.83 6.76 21.69
CA GLY B 6 14.42 7.08 21.73
C GLY B 6 13.55 5.91 21.34
N PRO B 7 12.23 6.05 21.54
N PRO B 7 12.23 6.04 21.54
CA PRO B 7 11.26 5.06 21.09
CA PRO B 7 11.37 4.92 21.14
C PRO B 7 11.25 4.89 19.57
C PRO B 7 11.23 4.87 19.61
N HYP B 8 10.83 3.73 19.10
CA HYP B 8 10.56 3.58 17.66
C HYP B 8 9.57 4.64 17.13
O HYP B 8 8.64 5.03 17.83
CB HYP B 8 9.95 2.18 17.51
CG HYP B 8 10.56 1.44 18.65
CD HYP B 8 10.48 2.46 19.76
OD1 HYP B 8 11.88 1.03 18.42
HA HYP B 8 11.38 3.66 17.14
HB2 HYP B 8 10.15 1.76 16.67
HB3 HYP B 8 8.98 2.19 17.58
HG HYP B 8 10.11 0.61 18.87
HD22 HYP B 8 9.61 2.48 20.16
HD23 HYP B 8 11.11 2.24 20.49
HD1 HYP B 8 11.89 0.52 17.74
N GLY B 9 9.78 5.06 15.90
CA GLY B 9 8.80 5.93 15.28
C GLY B 9 7.50 5.20 14.92
N PRO B 10 6.53 5.97 14.47
CA PRO B 10 5.24 5.42 14.07
C PRO B 10 5.36 4.67 12.76
N HYP B 11 4.38 3.82 12.45
CA HYP B 11 4.33 3.18 11.11
C HYP B 11 4.21 4.20 9.99
O HYP B 11 3.64 5.28 10.19
CB HYP B 11 3.08 2.30 11.10
CG HYP B 11 2.77 2.07 12.57
CD HYP B 11 3.15 3.40 13.16
OD1 HYP B 11 3.47 1.01 13.15
HA HYP B 11 5.13 2.65 10.95
HB2 HYP B 11 3.21 1.46 10.65
HB3 HYP B 11 2.32 2.72 10.67
HG HYP B 11 1.85 1.82 12.76
HD22 HYP B 11 2.43 4.04 13.06
HD23 HYP B 11 3.31 3.33 14.13
HD1 HYP B 11 3.69 0.45 12.55
N GLY B 12 4.75 3.89 8.84
CA GLY B 12 4.50 4.68 7.65
C GLY B 12 3.05 4.64 7.27
N PRO B 13 2.63 5.60 6.44
CA PRO B 13 1.26 5.66 5.93
C PRO B 13 0.90 4.33 5.24
N ZPO B 14 -0.40 4.04 5.11
CB ZPO B 14 -1.95 2.49 4.91
CG ZPO B 14 -2.60 3.77 5.39
C ZPO B 14 -0.77 3.16 2.92
O ZPO B 14 -0.34 4.06 2.51
CD ZPO B 14 -1.51 4.65 5.84
NA ZPO B 14 -0.88 2.96 4.36
HB3 ZPO B 14 -1.73 1.90 5.65
HB2 ZPO B 14 -2.50 2.04 4.25
HG2 ZPO B 14 -3.20 3.56 6.13
HG3 ZPO B 14 -3.09 4.17 4.67
HD2 ZPO B 14 -1.67 5.56 5.55
HD3 ZPO B 14 -1.37 4.58 6.80
N GLY B 15 -0.62 1.92 2.36
CA GLY B 15 -0.49 1.84 0.91
C GLY B 15 -1.81 2.04 0.20
N PRO B 16 -1.82 2.74 -0.91
CA PRO B 16 -3.07 2.92 -1.65
C PRO B 16 -3.51 1.63 -2.32
N ARG B 17 -4.80 1.54 -2.59
CA ARG B 17 -5.35 0.43 -3.37
C ARG B 17 -4.74 0.41 -4.77
C XZA B 18 -4.98 -0.66 -7.60
O XZA B 18 -6.14 -0.34 -7.40
NA XZA B 18 -4.09 -1.01 -6.54
N XZA B 18 -4.61 -0.84 -5.26
HNA XZA B 18 -3.21 -1.34 -6.80
H XZA B 18 -4.02 -0.84 -4.86
N PRO B 19 -4.42 -0.65 -8.83
CA PRO B 19 -5.18 -0.20 -10.00
C PRO B 19 -6.38 -1.10 -10.34
N HYP B 20 -7.35 -0.55 -11.03
CA HYP B 20 -8.39 -1.40 -11.67
C HYP B 20 -7.70 -2.45 -12.56
O HYP B 20 -6.66 -2.19 -13.16
CB HYP B 20 -9.25 -0.46 -12.52
CG HYP B 20 -9.07 0.88 -11.84
CD HYP B 20 -7.59 0.84 -11.51
OD1 HYP B 20 -9.89 1.03 -10.72
HA HYP B 20 -8.96 -1.85 -11.02
HB2 HYP B 20 -10.19 -0.70 -12.54
HB3 HYP B 20 -8.96 -0.41 -13.45
HG HYP B 20 -9.29 1.65 -12.37
HD22 HYP B 20 -7.05 1.05 -12.29
HD23 HYP B 20 -7.36 1.49 -10.83
HD1 HYP B 20 -9.75 1.79 -10.37
N GLY B 21 -8.31 -3.61 -12.66
CA GLY B 21 -7.79 -4.64 -13.54
C GLY B 21 -8.00 -4.29 -15.01
N PRO B 22 -7.56 -5.19 -15.89
CA PRO B 22 -7.69 -4.95 -17.32
C PRO B 22 -9.10 -5.29 -17.80
N HYP B 23 -9.41 -4.88 -19.02
CA HYP B 23 -10.74 -5.14 -19.57
C HYP B 23 -11.03 -6.66 -19.62
O HYP B 23 -10.12 -7.48 -19.86
CB HYP B 23 -10.71 -4.55 -20.98
CG HYP B 23 -9.79 -3.38 -20.83
CD HYP B 23 -8.71 -4.04 -20.01
OD1 HYP B 23 -10.34 -2.30 -20.17
HA HYP B 23 -11.46 -4.73 -19.05
HB2 HYP B 23 -11.58 -4.25 -21.31
HB3 HYP B 23 -10.38 -5.16 -21.66
HG HYP B 23 -9.48 -3.00 -21.67
HD22 HYP B 23 -8.12 -4.56 -20.57
HD23 HYP B 23 -8.15 -3.37 -19.58
HD1 HYP B 23 -9.72 -1.82 -19.84
N GLY B 24 -12.30 -7.01 -19.42
CA GLY B 24 -12.72 -8.40 -19.49
C GLY B 24 -12.72 -8.96 -20.89
N PRO B 25 -13.07 -10.26 -20.97
CA PRO B 25 -13.06 -10.91 -22.28
C PRO B 25 -14.22 -10.46 -23.13
N HYP B 26 -14.10 -10.63 -24.43
CA HYP B 26 -15.22 -10.36 -25.34
C HYP B 26 -16.44 -11.23 -25.00
O HYP B 26 -16.26 -12.36 -24.51
CB HYP B 26 -14.74 -10.73 -26.74
CG HYP B 26 -13.24 -10.63 -26.66
CD HYP B 26 -13.01 -11.18 -25.25
OD1 HYP B 26 -12.74 -9.35 -26.79
HA HYP B 26 -15.49 -9.42 -25.30
HB2 HYP B 26 -15.08 -10.13 -27.43
HB3 HYP B 26 -15.00 -11.62 -27.00
HG HYP B 26 -12.77 -11.11 -27.36
HD22 HYP B 26 -13.02 -12.16 -25.25
HD23 HYP B 26 -12.13 -10.93 -24.92
HD1 HYP B 26 -12.94 -9.06 -27.56
N GLY B 27 -17.63 -10.73 -25.23
CA GLY B 27 -18.82 -11.52 -25.11
C GLY B 27 -18.97 -12.54 -26.21
N PRO B 28 -20.05 -13.32 -26.16
CA PRO B 28 -20.27 -14.37 -27.16
C PRO B 28 -20.66 -13.80 -28.51
N HYP B 29 -20.43 -14.54 -29.58
CA HYP B 29 -20.80 -14.07 -30.93
C HYP B 29 -22.29 -13.69 -31.00
O HYP B 29 -23.14 -14.41 -30.44
CB HYP B 29 -20.54 -15.22 -31.87
CG HYP B 29 -19.35 -15.90 -31.23
CD HYP B 29 -19.77 -15.85 -29.76
OD1 HYP B 29 -18.12 -15.29 -31.46
HA HYP B 29 -20.28 -13.29 -31.19
HB2 HYP B 29 -20.33 -14.95 -32.78
HB3 HYP B 29 -21.29 -15.83 -31.94
HG HYP B 29 -19.19 -16.81 -31.54
HD22 HYP B 29 -20.36 -16.58 -29.54
HD23 HYP B 29 -18.99 -15.93 -29.18
HD1 HYP B 29 -17.63 -15.36 -30.76
N GLY B 30 -22.62 -12.57 -31.81
CA GLY B 30 -23.84 -12.35 -32.15
C GLY B 30 -24.34 -13.21 -33.32
N PRO C 1 23.35 14.00 28.68
CA PRO C 1 22.57 14.41 27.50
C PRO C 1 21.47 13.39 27.17
N HYP C 2 20.50 13.79 26.37
CA HYP C 2 19.50 12.86 25.87
C HYP C 2 20.17 11.76 25.02
O HYP C 2 21.27 11.98 24.50
CB HYP C 2 18.57 13.69 24.97
CG HYP C 2 18.72 15.10 25.44
CD HYP C 2 20.21 15.13 25.77
OD1 HYP C 2 17.93 15.39 26.52
HA HYP C 2 18.98 12.44 26.58
HB2 HYP C 2 17.64 13.43 25.03
HB3 HYP C 2 18.80 13.63 24.03
HG HYP C 2 18.48 15.80 24.81
HD22 HYP C 2 20.74 15.29 24.97
HD23 HYP C 2 20.42 15.86 26.38
HD1 HYP C 2 18.14 16.17 26.82
N GLY C 3 19.53 10.62 24.91
CA GLY C 3 19.98 9.61 23.96
C GLY C 3 19.79 10.05 22.51
N PRO C 4 20.22 9.20 21.59
CA PRO C 4 20.07 9.47 20.15
C PRO C 4 18.65 9.14 19.71
N HYP C 5 18.27 9.59 18.53
CA HYP C 5 16.95 9.31 17.98
C HYP C 5 16.65 7.79 17.91
O HYP C 5 17.54 6.99 17.63
CB HYP C 5 16.94 9.89 16.55
CG HYP C 5 17.89 11.07 16.68
CD HYP C 5 18.99 10.41 17.50
OD1 HYP C 5 17.31 12.19 17.33
HA HYP C 5 16.25 9.71 18.53
HB2 HYP C 5 16.07 10.18 16.26
HB3 HYP C 5 17.26 9.27 15.88
HG HYP C 5 18.20 11.46 15.85
HD22 HYP C 5 19.56 9.87 16.94
HD23 HYP C 5 19.56 11.07 17.91
HD1 HYP C 5 17.93 12.64 17.69
N GLY C 6 15.38 7.45 18.14
CA GLY C 6 14.95 6.06 18.08
C GLY C 6 14.93 5.49 16.67
N PRO C 7 14.62 4.20 16.58
CA PRO C 7 14.57 3.55 15.27
C PRO C 7 13.44 4.06 14.41
N HYP C 8 13.65 4.07 13.12
CA HYP C 8 12.54 4.28 12.17
C HYP C 8 11.37 3.34 12.49
O HYP C 8 11.60 2.20 12.95
CB HYP C 8 13.10 3.98 10.79
CG HYP C 8 14.57 4.32 10.92
CD HYP C 8 14.84 3.75 12.31
OD1 HYP C 8 14.85 5.68 10.86
HA HYP C 8 12.19 5.19 12.18
HB2 HYP C 8 12.69 4.51 10.08
HB3 HYP C 8 13.00 3.05 10.53
HG HYP C 8 15.14 3.96 10.22
HD22 HYP C 8 15.00 2.80 12.26
HD23 HYP C 8 15.65 4.14 12.69
HD1 HYP C 8 14.30 6.07 10.35
N GLY C 9 10.16 3.85 12.32
CA GLY C 9 8.97 3.04 12.46
C GLY C 9 8.86 1.96 11.41
N PRO C 10 7.91 1.05 11.64
CA PRO C 10 7.68 -0.02 10.66
C PRO C 10 7.17 0.54 9.34
N HYP C 11 7.41 -0.22 8.30
CA HYP C 11 6.81 0.12 7.01
C HYP C 11 5.29 0.21 7.08
O HYP C 11 4.65 -0.52 7.87
CB HYP C 11 7.18 -1.06 6.11
CG HYP C 11 8.52 -1.52 6.68
CD HYP C 11 8.21 -1.44 8.14
OD1 HYP C 11 9.56 -0.70 6.29
HA HYP C 11 7.14 0.97 6.66
HB2 HYP C 11 7.27 -0.82 5.17
HB3 HYP C 11 6.53 -1.78 6.13
HG HYP C 11 8.82 -2.40 6.42
HD22 HYP C 11 7.72 -2.23 8.44
HD23 HYP C 11 9.03 -1.41 8.66
HD1 HYP C 11 9.97 -0.42 6.98
N GLY C 12 4.72 1.13 6.33
CA GLY C 12 3.26 1.14 6.17
C GLY C 12 2.78 -0.14 5.51
N PRO C 13 1.50 -0.49 5.74
CA PRO C 13 0.99 -1.74 5.17
C PRO C 13 0.82 -1.64 3.66
N ZPO C 14 0.78 -2.83 3.02
CB ZPO C 14 1.15 -3.68 1.06
CG ZPO C 14 1.13 -4.79 2.10
C ZPO C 14 -0.91 -2.54 1.38
O ZPO C 14 -1.64 -2.34 2.18
CD ZPO C 14 1.21 -4.14 3.40
NA ZPO C 14 0.48 -2.79 1.63
HB3 ZPO C 14 2.05 -3.37 0.89
HB2 ZPO C 14 0.71 -3.96 0.23
HG2 ZPO C 14 1.89 -5.37 1.96
HG3 ZPO C 14 0.31 -5.29 2.03
HD2 ZPO C 14 2.13 -4.12 3.73
HD3 ZPO C 14 0.61 -4.54 4.03
N GLY C 15 -0.95 -2.03 0.11
CA GLY C 15 -2.26 -1.60 -0.38
C GLY C 15 -3.13 -2.75 -0.86
N PRO C 16 -4.44 -2.64 -0.70
CA PRO C 16 -5.31 -3.73 -1.15
C PRO C 16 -5.34 -3.82 -2.67
N ARG C 17 -5.78 -4.98 -3.15
CA ARG C 17 -5.99 -5.17 -4.58
C ARG C 17 -7.05 -4.19 -5.09
C XZA C 18 -8.84 -3.38 -7.48
O XZA C 18 -9.13 -4.54 -7.33
NA XZA C 18 -7.62 -2.84 -6.97
N XZA C 18 -6.74 -3.74 -6.33
HNA XZA C 18 -7.49 -1.89 -7.11
H XZA C 18 -6.28 -3.07 -6.12
N PRO C 19 -9.68 -2.44 -7.95
CA PRO C 19 -11.02 -2.81 -8.42
C PRO C 19 -10.95 -3.76 -9.62
N HYP C 20 -12.07 -4.44 -9.88
CA HYP C 20 -12.24 -5.21 -11.13
C HYP C 20 -11.97 -4.33 -12.35
O HYP C 20 -12.26 -3.12 -12.34
CB HYP C 20 -13.68 -5.68 -11.13
CG HYP C 20 -14.01 -5.76 -9.67
CD HYP C 20 -13.36 -4.48 -9.16
OD1 HYP C 20 -13.50 -6.87 -9.05
HA HYP C 20 -11.62 -5.95 -11.18
HB2 HYP C 20 -13.80 -6.54 -11.55
HB3 HYP C 20 -14.29 -5.07 -11.58
HG HYP C 20 -14.97 -5.80 -9.47
HD22 HYP C 20 -13.91 -3.70 -9.36
HD23 HYP C 20 -13.25 -4.50 -8.20
HD1 HYP C 20 -13.22 -6.67 -8.27
N GLY C 21 -11.48 -4.92 -13.42
CA GLY C 21 -11.36 -4.21 -14.66
C GLY C 21 -12.71 -3.91 -15.28
N PRO C 22 -12.72 -3.05 -16.29
CA PRO C 22 -13.94 -2.77 -17.04
C PRO C 22 -14.52 -4.02 -17.68
N HYP C 23 -15.82 -4.02 -17.88
CA HYP C 23 -16.44 -5.10 -18.71
C HYP C 23 -15.77 -5.22 -20.10
O HYP C 23 -15.40 -4.18 -20.68
CB HYP C 23 -17.91 -4.72 -18.87
CG HYP C 23 -18.18 -3.86 -17.66
CD HYP C 23 -16.89 -3.03 -17.62
OD1 HYP C 23 -18.33 -4.60 -16.48
HA HYP C 23 -16.35 -5.97 -18.29
HB2 HYP C 23 -18.52 -5.48 -18.87
HB3 HYP C 23 -18.11 -4.23 -19.68
HG HYP C 23 -18.98 -3.32 -17.70
HD22 HYP C 23 -16.91 -2.32 -18.29
HD23 HYP C 23 -16.78 -2.59 -16.77
HD1 HYP C 23 -18.90 -5.22 -16.61
N GLY C 24 -15.70 -6.43 -20.62
CA GLY C 24 -15.18 -6.62 -21.96
C GLY C 24 -16.09 -6.08 -23.04
N PRO C 25 -15.60 -6.07 -24.29
CA PRO C 25 -16.42 -5.60 -25.41
C PRO C 25 -17.49 -6.62 -25.80
N HYP C 26 -18.47 -6.18 -26.56
CA HYP C 26 -19.45 -7.13 -27.11
C HYP C 26 -18.75 -8.18 -27.97
O HYP C 26 -17.66 -7.91 -28.51
CB HYP C 26 -20.41 -6.28 -27.96
CG HYP C 26 -20.30 -4.90 -27.38
CD HYP C 26 -18.80 -4.87 -27.10
OD1 HYP C 26 -21.07 -4.69 -26.22
HA HYP C 26 -19.96 -7.61 -26.43
HB2 HYP C 26 -21.33 -6.58 -27.91
HB3 HYP C 26 -20.18 -6.27 -28.90
HG HYP C 26 -20.61 -4.18 -27.95
HD22 HYP C 26 -18.30 -4.67 -27.92
HD23 HYP C 26 -18.57 -4.15 -26.47
HD1 HYP C 26 -21.89 -4.69 -26.42
N GLY C 27 -19.36 -9.35 -28.10
CA GLY C 27 -18.84 -10.35 -29.01
C GLY C 27 -18.91 -9.92 -30.45
N PRO C 28 -18.38 -10.75 -31.35
CA PRO C 28 -18.43 -10.39 -32.76
C PRO C 28 -19.85 -10.22 -33.31
N HYP C 29 -19.99 -9.39 -34.33
CA HYP C 29 -21.26 -9.24 -35.06
C HYP C 29 -21.77 -10.60 -35.64
O HYP C 29 -20.96 -11.47 -36.00
CB HYP C 29 -21.00 -8.28 -36.21
CG HYP C 29 -19.81 -7.47 -35.77
CD HYP C 29 -19.03 -8.54 -35.04
OD1 HYP C 29 -20.07 -6.40 -34.92
HA HYP C 29 -21.94 -8.89 -34.46
HB2 HYP C 29 -21.75 -7.69 -36.40
HB3 HYP C 29 -20.81 -8.73 -37.04
HG HYP C 29 -19.36 -7.05 -36.51
HD22 HYP C 29 -18.48 -9.05 -35.66
HD23 HYP C 29 -18.40 -8.13 -34.42
HD1 HYP C 29 -20.35 -5.74 -35.39
N GLY C 30 -23.19 -10.60 -35.59
CA GLY C 30 -23.85 -11.53 -36.19
C GLY C 30 -23.93 -11.42 -37.70
#